data_4ES7
#
_entry.id   4ES7
#
_cell.length_a   36.437
_cell.length_b   36.437
_cell.length_c   112.667
_cell.angle_alpha   90.00
_cell.angle_beta   90.00
_cell.angle_gamma   90.00
#
_symmetry.space_group_name_H-M   'P 43'
#
loop_
_entity.id
_entity.type
_entity.pdbx_description
1 polymer 'Protein AMBP'
2 non-polymer DI(HYDROXYETHYL)ETHER
3 water water
#
_entity_poly.entity_id   1
_entity_poly.type   'polypeptide(L)'
_entity_poly.pdbx_seq_one_letter_code
;MGSSHHHHHHSSGLVPRGSHMASMTGGQQMGRGSDNIQVQENFNISRIYGKWYNLAIGSTCPWLKKIMDRMTVSTLVLGE
GATEAEISMTSTRWRKGVCEETSGAYEKTDTDGKFLYHKSKWNITMESYVVHTNYDEYAIFLTKKFSRHHGPTITAKLYG
RAPQLRETLLQDFRVVAQGVGIPEDSIFTMADRGECVPGEQ
;
_entity_poly.pdbx_strand_id   A
#
# COMPACT_ATOMS: atom_id res chain seq x y z
N ASN A 36 12.96 -13.32 -1.08
CA ASN A 36 13.52 -12.80 -2.33
C ASN A 36 12.76 -11.60 -2.90
N ILE A 37 12.28 -10.71 -2.03
CA ILE A 37 11.46 -9.56 -2.48
C ILE A 37 12.19 -8.69 -3.52
N GLN A 38 11.54 -8.51 -4.66
CA GLN A 38 12.17 -7.98 -5.87
C GLN A 38 11.67 -6.58 -6.29
N VAL A 39 12.52 -5.57 -6.17
CA VAL A 39 12.16 -4.24 -6.65
C VAL A 39 12.00 -4.31 -8.17
N GLN A 40 11.00 -3.62 -8.71
CA GLN A 40 10.77 -3.69 -10.15
C GLN A 40 11.90 -3.01 -10.92
N GLU A 41 12.34 -3.65 -12.00
CA GLU A 41 13.46 -3.13 -12.76
C GLU A 41 13.12 -1.85 -13.51
N ASN A 42 14.13 -1.00 -13.70
CA ASN A 42 13.99 0.28 -14.37
C ASN A 42 12.88 1.12 -13.75
N PHE A 43 12.79 1.09 -12.42
CA PHE A 43 11.72 1.81 -11.73
C PHE A 43 11.89 3.33 -11.81
N ASN A 44 10.85 3.99 -12.30
CA ASN A 44 10.84 5.44 -12.42
C ASN A 44 9.93 6.05 -11.37
N ILE A 45 10.52 6.42 -10.23
CA ILE A 45 9.74 6.94 -9.11
C ILE A 45 8.91 8.17 -9.45
N SER A 46 9.42 9.02 -10.36
CA SER A 46 8.68 10.21 -10.74
C SER A 46 7.35 9.88 -11.44
N ARG A 47 7.23 8.65 -11.92
CA ARG A 47 6.01 8.22 -12.60
C ARG A 47 5.03 7.53 -11.66
N ILE A 48 5.40 7.38 -10.40
CA ILE A 48 4.54 6.66 -9.46
C ILE A 48 3.70 7.63 -8.66
N TYR A 49 3.98 8.92 -8.80
CA TYR A 49 3.27 9.96 -8.05
C TYR A 49 1.83 10.11 -8.51
N GLY A 50 1.07 10.89 -7.74
CA GLY A 50 -0.33 11.10 -8.07
C GLY A 50 -1.25 10.17 -7.32
N LYS A 51 -2.47 10.05 -7.82
CA LYS A 51 -3.56 9.39 -7.11
C LYS A 51 -3.76 7.93 -7.51
N TRP A 52 -3.97 7.09 -6.51
CA TRP A 52 -4.13 5.65 -6.68
C TRP A 52 -5.30 5.21 -5.81
N TYR A 53 -5.94 4.11 -6.18
CA TYR A 53 -7.03 3.53 -5.40
C TYR A 53 -6.61 2.15 -4.96
N ASN A 54 -6.75 1.87 -3.67
CA ASN A 54 -6.41 0.54 -3.15
C ASN A 54 -7.58 -0.40 -3.36
N LEU A 55 -7.36 -1.43 -4.16
CA LEU A 55 -8.43 -2.31 -4.63
C LEU A 55 -8.37 -3.69 -4.05
N ALA A 56 -7.19 -4.08 -3.57
CA ALA A 56 -7.04 -5.37 -2.92
C ALA A 56 -5.89 -5.35 -1.92
N ILE A 57 -5.94 -6.25 -0.95
CA ILE A 57 -4.90 -6.29 0.08
C ILE A 57 -4.76 -7.72 0.56
N GLY A 58 -3.57 -8.09 1.03
CA GLY A 58 -3.41 -9.33 1.76
C GLY A 58 -2.34 -9.11 2.81
N SER A 59 -2.32 -9.94 3.85
CA SER A 59 -1.33 -9.70 4.89
C SER A 59 -1.15 -10.92 5.77
N THR A 60 0.05 -11.00 6.36
CA THR A 60 0.30 -11.98 7.43
C THR A 60 0.22 -11.30 8.80
N CYS A 61 -0.08 -10.00 8.84
CA CYS A 61 -0.24 -9.32 10.14
C CYS A 61 -1.56 -9.71 10.77
N PRO A 62 -1.52 -10.35 11.96
CA PRO A 62 -2.71 -10.90 12.64
C PRO A 62 -3.88 -9.90 12.75
N TRP A 63 -3.53 -8.67 13.13
CA TRP A 63 -4.53 -7.61 13.28
C TRP A 63 -5.17 -7.27 11.93
N LEU A 64 -4.32 -6.99 10.95
CA LEU A 64 -4.78 -6.72 9.60
C LEU A 64 -5.67 -7.83 9.10
N LYS A 65 -5.28 -9.08 9.40
CA LYS A 65 -6.08 -10.24 9.02
C LYS A 65 -7.48 -10.09 9.59
N LYS A 66 -7.57 -9.59 10.81
CA LYS A 66 -8.90 -9.46 11.42
C LYS A 66 -9.74 -8.29 10.90
N ILE A 67 -9.11 -7.25 10.38
CA ILE A 67 -9.92 -6.10 9.93
C ILE A 67 -10.05 -5.90 8.44
N MET A 68 -9.31 -6.66 7.65
CA MET A 68 -9.20 -6.44 6.22
C MET A 68 -10.56 -6.41 5.52
N ASP A 69 -11.48 -7.23 6.00
CA ASP A 69 -12.80 -7.35 5.38
C ASP A 69 -13.68 -6.11 5.56
N ARG A 70 -13.26 -5.20 6.44
CA ARG A 70 -13.99 -3.97 6.67
C ARG A 70 -13.48 -2.87 5.75
N MET A 71 -12.33 -3.11 5.12
CA MET A 71 -11.73 -2.06 4.31
C MET A 71 -12.49 -1.92 2.99
N THR A 72 -12.71 -0.68 2.57
CA THR A 72 -13.32 -0.41 1.29
C THR A 72 -12.27 0.32 0.47
N VAL A 73 -12.52 0.48 -0.83
CA VAL A 73 -11.53 1.11 -1.71
C VAL A 73 -11.19 2.46 -1.12
N SER A 74 -9.90 2.68 -0.91
CA SER A 74 -9.41 3.90 -0.29
C SER A 74 -8.54 4.61 -1.30
N THR A 75 -8.30 5.89 -1.07
CA THR A 75 -7.46 6.63 -2.00
C THR A 75 -6.10 6.90 -1.38
N LEU A 76 -5.07 6.87 -2.21
CA LEU A 76 -3.72 7.17 -1.77
C LEU A 76 -3.18 8.21 -2.73
N VAL A 77 -2.50 9.23 -2.20
CA VAL A 77 -1.88 10.24 -3.04
C VAL A 77 -0.43 10.30 -2.63
N LEU A 78 0.48 10.14 -3.61
CA LEU A 78 1.92 10.22 -3.39
C LEU A 78 2.43 11.54 -3.94
N GLY A 79 3.26 12.24 -3.18
CA GLY A 79 3.76 13.51 -3.66
C GLY A 79 5.13 13.77 -3.10
N GLU A 80 5.70 14.94 -3.40
CA GLU A 80 7.00 15.30 -2.88
C GLU A 80 6.90 15.53 -1.37
N GLY A 81 7.91 15.07 -0.65
CA GLY A 81 7.90 15.23 0.80
C GLY A 81 8.45 16.56 1.27
N ALA A 82 8.66 16.66 2.59
CA ALA A 82 9.24 17.84 3.23
C ALA A 82 10.59 18.17 2.61
N THR A 83 11.40 17.14 2.42
CA THR A 83 12.64 17.28 1.68
C THR A 83 12.53 16.51 0.38
N GLU A 84 13.55 16.65 -0.45
CA GLU A 84 13.60 15.98 -1.74
C GLU A 84 13.90 14.49 -1.62
N ALA A 85 14.19 14.02 -0.41
CA ALA A 85 14.49 12.61 -0.19
C ALA A 85 13.31 11.93 0.52
N GLU A 86 12.24 12.67 0.72
CA GLU A 86 11.03 12.12 1.31
C GLU A 86 9.90 12.05 0.30
N ILE A 87 9.00 11.10 0.51
CA ILE A 87 7.76 11.02 -0.25
C ILE A 87 6.61 11.21 0.71
N SER A 88 5.73 12.15 0.37
CA SER A 88 4.52 12.37 1.16
C SER A 88 3.47 11.35 0.75
N MET A 89 2.96 10.61 1.73
CA MET A 89 1.89 9.62 1.52
C MET A 89 0.62 10.08 2.22
N THR A 90 -0.49 10.18 1.49
CA THR A 90 -1.76 10.52 2.12
C THR A 90 -2.86 9.52 1.72
N SER A 91 -3.44 8.85 2.71
CA SER A 91 -4.47 7.84 2.47
C SER A 91 -5.80 8.26 3.09
N THR A 92 -6.88 8.08 2.35
CA THR A 92 -8.19 8.53 2.75
C THR A 92 -9.17 7.37 2.61
N ARG A 93 -9.89 7.08 3.68
CA ARG A 93 -10.87 6.00 3.61
C ARG A 93 -12.03 6.23 4.57
N TRP A 94 -13.16 5.61 4.28
CA TRP A 94 -14.23 5.57 5.26
C TRP A 94 -13.82 4.64 6.39
N ARG A 95 -13.98 5.11 7.62
CA ARG A 95 -13.85 4.26 8.78
C ARG A 95 -14.91 4.70 9.78
N LYS A 96 -15.66 3.73 10.28
CA LYS A 96 -16.86 3.98 11.06
C LYS A 96 -17.75 4.99 10.34
N GLY A 97 -18.09 6.08 11.00
CA GLY A 97 -18.92 7.08 10.38
C GLY A 97 -18.23 7.98 9.37
N VAL A 98 -16.91 8.15 9.48
CA VAL A 98 -16.29 9.31 8.85
C VAL A 98 -15.17 9.06 7.81
N CYS A 99 -14.81 10.14 7.11
CA CYS A 99 -13.67 10.16 6.19
C CYS A 99 -12.40 10.37 6.97
N GLU A 100 -11.62 9.31 7.11
CA GLU A 100 -10.38 9.31 7.86
C GLU A 100 -9.18 9.47 6.94
N GLU A 101 -8.37 10.46 7.23
CA GLU A 101 -7.12 10.66 6.53
C GLU A 101 -5.93 10.26 7.39
N THR A 102 -5.06 9.43 6.82
CA THR A 102 -3.81 9.06 7.44
C THR A 102 -2.71 9.66 6.57
N SER A 103 -1.69 10.21 7.19
CA SER A 103 -0.64 10.88 6.46
C SER A 103 0.67 10.38 7.01
N GLY A 104 1.63 10.08 6.15
CA GLY A 104 2.97 9.75 6.58
C GLY A 104 4.04 10.29 5.64
N ALA A 105 5.29 10.29 6.12
CA ALA A 105 6.44 10.63 5.30
C ALA A 105 7.32 9.41 5.16
N TYR A 106 7.50 8.96 3.92
CA TYR A 106 8.36 7.80 3.67
C TYR A 106 9.72 8.32 3.22
N GLU A 107 10.77 7.56 3.51
CA GLU A 107 12.10 7.99 3.11
C GLU A 107 12.57 7.15 1.94
N LYS A 108 13.11 7.80 0.93
CA LYS A 108 13.79 7.06 -0.14
C LYS A 108 15.01 6.41 0.48
N THR A 109 15.45 5.29 -0.10
CA THR A 109 16.62 4.59 0.42
C THR A 109 17.70 4.52 -0.64
N ASP A 110 18.63 3.58 -0.43
CA ASP A 110 19.73 3.34 -1.37
C ASP A 110 19.26 2.56 -2.61
N THR A 111 17.95 2.35 -2.71
CA THR A 111 17.36 1.54 -3.78
C THR A 111 16.08 2.18 -4.28
N ASP A 112 16.02 2.49 -5.57
CA ASP A 112 14.81 3.03 -6.15
C ASP A 112 13.71 1.97 -6.08
N GLY A 113 12.52 2.39 -5.69
CA GLY A 113 11.44 1.44 -5.52
C GLY A 113 11.32 0.90 -4.10
N LYS A 114 12.33 1.13 -3.26
CA LYS A 114 12.24 0.74 -1.84
C LYS A 114 12.19 1.98 -0.96
N PHE A 115 11.20 2.02 -0.05
CA PHE A 115 10.97 3.20 0.78
C PHE A 115 10.86 2.80 2.23
N LEU A 116 11.37 3.65 3.12
CA LEU A 116 11.39 3.35 4.55
C LEU A 116 10.41 4.22 5.28
N TYR A 117 9.72 3.64 6.25
CA TYR A 117 8.73 4.33 7.06
C TYR A 117 8.97 3.95 8.52
N HIS A 118 9.68 4.80 9.24
CA HIS A 118 10.06 4.48 10.61
C HIS A 118 9.12 5.20 11.59
N LYS A 119 8.60 4.45 12.55
CA LYS A 119 7.79 5.02 13.62
C LYS A 119 8.58 4.90 14.91
N SER A 120 9.31 5.97 15.22
CA SER A 120 10.28 5.93 16.30
C SER A 120 9.60 5.81 17.67
N LYS A 121 8.44 6.45 17.80
CA LYS A 121 7.65 6.37 19.04
C LYS A 121 7.24 4.93 19.33
N TRP A 122 7.09 4.14 18.26
CA TRP A 122 6.63 2.77 18.38
C TRP A 122 7.75 1.75 18.33
N ASN A 123 8.96 2.18 17.95
CA ASN A 123 10.05 1.25 17.64
C ASN A 123 9.58 0.30 16.54
N ILE A 124 8.93 0.84 15.51
CA ILE A 124 8.46 0.00 14.44
C ILE A 124 9.10 0.52 13.18
N THR A 125 9.50 -0.36 12.27
CA THR A 125 9.94 0.08 10.95
C THR A 125 9.18 -0.69 9.88
N MET A 126 8.69 0.04 8.89
CA MET A 126 8.06 -0.59 7.73
C MET A 126 8.91 -0.29 6.51
N GLU A 127 9.10 -1.29 5.65
CA GLU A 127 9.84 -1.04 4.43
C GLU A 127 9.02 -1.55 3.27
N SER A 128 8.78 -0.66 2.29
CA SER A 128 7.85 -0.92 1.20
C SER A 128 8.60 -1.07 -0.10
N TYR A 129 8.08 -1.92 -0.98
CA TYR A 129 8.72 -2.28 -2.23
C TYR A 129 7.69 -2.17 -3.34
N VAL A 130 8.00 -1.44 -4.42
CA VAL A 130 7.17 -1.47 -5.63
C VAL A 130 7.61 -2.65 -6.48
N VAL A 131 6.90 -3.77 -6.37
CA VAL A 131 7.34 -4.99 -7.03
C VAL A 131 6.88 -5.06 -8.49
N HIS A 132 5.70 -4.53 -8.79
CA HIS A 132 5.26 -4.42 -10.19
C HIS A 132 4.42 -3.17 -10.38
N THR A 133 4.65 -2.42 -11.46
CA THR A 133 3.77 -1.31 -11.83
C THR A 133 4.01 -0.96 -13.28
N ASN A 134 2.98 -0.40 -13.92
CA ASN A 134 3.12 0.18 -15.26
C ASN A 134 2.74 1.65 -15.22
N TYR A 135 2.71 2.17 -14.00
CA TYR A 135 2.63 3.61 -13.72
C TYR A 135 1.29 4.26 -14.08
N ASP A 136 0.69 3.77 -15.16
CA ASP A 136 -0.47 4.41 -15.79
C ASP A 136 -1.74 3.72 -15.42
N GLU A 137 -1.62 2.53 -14.86
CA GLU A 137 -2.80 1.71 -14.64
C GLU A 137 -2.79 1.04 -13.27
N TYR A 138 -1.75 0.28 -12.96
CA TYR A 138 -1.74 -0.47 -11.70
C TYR A 138 -0.39 -0.43 -11.01
N ALA A 139 -0.38 -0.69 -9.70
CA ALA A 139 0.86 -0.92 -8.95
C ALA A 139 0.62 -1.94 -7.86
N ILE A 140 1.63 -2.75 -7.56
CA ILE A 140 1.59 -3.65 -6.40
C ILE A 140 2.73 -3.28 -5.46
N PHE A 141 2.40 -3.01 -4.20
CA PHE A 141 3.39 -2.65 -3.20
C PHE A 141 3.43 -3.74 -2.16
N LEU A 142 4.63 -4.19 -1.80
CA LEU A 142 4.80 -5.08 -0.65
C LEU A 142 5.47 -4.33 0.48
N THR A 143 4.95 -4.52 1.69
CA THR A 143 5.47 -3.83 2.87
C THR A 143 5.81 -4.85 3.94
N LYS A 144 7.06 -4.81 4.42
CA LYS A 144 7.51 -5.66 5.51
C LYS A 144 7.53 -4.81 6.78
N LYS A 145 6.96 -5.35 7.85
CA LYS A 145 6.93 -4.61 9.11
C LYS A 145 7.76 -5.30 10.19
N PHE A 146 8.66 -4.54 10.79
CA PHE A 146 9.57 -5.05 11.80
C PHE A 146 9.21 -4.43 13.15
N SER A 147 9.07 -5.28 14.15
CA SER A 147 8.68 -4.86 15.48
C SER A 147 9.58 -5.54 16.48
N ARG A 148 9.72 -4.94 17.66
CA ARG A 148 10.47 -5.60 18.71
C ARG A 148 9.66 -6.74 19.33
N HIS A 149 8.36 -6.79 19.05
CA HIS A 149 7.50 -7.67 19.87
C HIS A 149 6.83 -8.78 19.10
N HIS A 150 7.00 -8.76 17.79
CA HIS A 150 6.61 -9.90 16.97
C HIS A 150 7.46 -10.06 15.73
N GLY A 151 7.45 -11.27 15.16
CA GLY A 151 8.21 -11.59 13.95
C GLY A 151 7.75 -10.67 12.84
N PRO A 152 8.61 -10.48 11.82
CA PRO A 152 8.25 -9.56 10.74
C PRO A 152 6.98 -10.00 10.06
N THR A 153 6.20 -9.02 9.60
CA THR A 153 4.98 -9.35 8.87
C THR A 153 5.12 -8.83 7.46
N ILE A 154 4.29 -9.33 6.55
CA ILE A 154 4.30 -8.80 5.20
C ILE A 154 2.88 -8.50 4.75
N THR A 155 2.71 -7.36 4.08
CA THR A 155 1.42 -6.91 3.62
C THR A 155 1.57 -6.58 2.13
N ALA A 156 0.60 -6.97 1.32
CA ALA A 156 0.63 -6.63 -0.10
C ALA A 156 -0.61 -5.81 -0.47
N LYS A 157 -0.42 -4.72 -1.19
CA LYS A 157 -1.56 -3.93 -1.67
C LYS A 157 -1.54 -3.74 -3.18
N LEU A 158 -2.73 -3.88 -3.78
CA LEU A 158 -2.95 -3.61 -5.19
C LEU A 158 -3.61 -2.26 -5.34
N TYR A 159 -3.06 -1.46 -6.24
CA TYR A 159 -3.58 -0.13 -6.53
C TYR A 159 -3.88 0.02 -8.01
N GLY A 160 -4.91 0.80 -8.32
CA GLY A 160 -5.21 1.15 -9.70
C GLY A 160 -5.23 2.66 -9.84
N ARG A 161 -5.06 3.17 -11.05
CA ARG A 161 -5.25 4.60 -11.28
C ARG A 161 -6.72 4.93 -11.26
N ALA A 162 -7.55 3.89 -11.40
CA ALA A 162 -9.00 4.02 -11.33
C ALA A 162 -9.49 3.01 -10.30
N PRO A 163 -10.72 3.19 -9.78
CA PRO A 163 -11.26 2.27 -8.76
C PRO A 163 -11.65 0.89 -9.29
N GLN A 164 -11.33 0.59 -10.53
CA GLN A 164 -11.41 -0.80 -10.99
C GLN A 164 -10.34 -1.15 -12.02
N LEU A 165 -10.02 -2.43 -12.10
CA LEU A 165 -9.04 -2.94 -13.05
C LEU A 165 -9.58 -4.28 -13.51
N ARG A 166 -9.02 -4.78 -14.61
CA ARG A 166 -9.38 -6.10 -15.10
C ARG A 166 -9.15 -7.21 -14.06
N GLU A 167 -10.00 -8.24 -14.12
CA GLU A 167 -9.86 -9.43 -13.28
C GLU A 167 -8.46 -10.03 -13.34
N THR A 168 -7.84 -9.99 -14.52
CA THR A 168 -6.51 -10.56 -14.69
C THR A 168 -5.49 -9.89 -13.78
N LEU A 169 -5.66 -8.61 -13.48
CA LEU A 169 -4.73 -7.95 -12.57
C LEU A 169 -4.99 -8.40 -11.13
N LEU A 170 -6.25 -8.66 -10.81
CA LEU A 170 -6.61 -9.21 -9.51
C LEU A 170 -5.91 -10.55 -9.34
N GLN A 171 -5.92 -11.35 -10.41
CA GLN A 171 -5.23 -12.63 -10.40
C GLN A 171 -3.72 -12.51 -10.25
N ASP A 172 -3.14 -11.59 -11.02
CA ASP A 172 -1.71 -11.26 -10.91
C ASP A 172 -1.37 -10.94 -9.46
N PHE A 173 -2.21 -10.12 -8.84
CA PHE A 173 -1.98 -9.68 -7.47
C PHE A 173 -1.99 -10.91 -6.57
N ARG A 174 -3.02 -11.74 -6.71
CA ARG A 174 -3.14 -12.96 -5.90
C ARG A 174 -1.88 -13.80 -5.93
N VAL A 175 -1.35 -14.06 -7.13
CA VAL A 175 -0.15 -14.89 -7.19
C VAL A 175 1.08 -14.18 -6.63
N VAL A 176 1.14 -12.86 -6.80
CA VAL A 176 2.29 -12.15 -6.23
C VAL A 176 2.26 -12.21 -4.71
N ALA A 177 1.09 -12.00 -4.14
CA ALA A 177 0.91 -12.08 -2.69
C ALA A 177 1.18 -13.48 -2.16
N GLN A 178 0.70 -14.51 -2.84
CA GLN A 178 0.95 -15.87 -2.41
C GLN A 178 2.45 -16.18 -2.48
N GLY A 179 3.10 -15.64 -3.50
CA GLY A 179 4.50 -15.95 -3.76
C GLY A 179 5.45 -15.32 -2.76
N VAL A 180 4.92 -14.52 -1.86
CA VAL A 180 5.71 -13.87 -0.83
C VAL A 180 5.27 -14.39 0.54
N GLY A 181 4.34 -15.34 0.53
CA GLY A 181 4.01 -16.07 1.75
C GLY A 181 2.65 -15.77 2.35
N ILE A 182 1.86 -14.96 1.66
CA ILE A 182 0.51 -14.66 2.16
C ILE A 182 -0.44 -15.79 1.76
N PRO A 183 -1.16 -16.36 2.73
CA PRO A 183 -2.04 -17.45 2.33
C PRO A 183 -3.21 -16.91 1.52
N GLU A 184 -3.83 -17.78 0.73
CA GLU A 184 -4.88 -17.36 -0.18
C GLU A 184 -6.09 -16.89 0.62
N ASP A 185 -6.23 -17.42 1.84
CA ASP A 185 -7.34 -17.05 2.70
C ASP A 185 -7.12 -15.68 3.36
N SER A 186 -5.94 -15.08 3.17
CA SER A 186 -5.67 -13.80 3.80
C SER A 186 -5.58 -12.68 2.75
N ILE A 187 -6.28 -12.87 1.64
CA ILE A 187 -6.27 -11.90 0.54
C ILE A 187 -7.72 -11.47 0.23
N PHE A 188 -7.95 -10.16 0.19
CA PHE A 188 -9.30 -9.59 0.12
C PHE A 188 -9.38 -8.52 -0.99
N THR A 189 -10.40 -8.65 -1.82
CA THR A 189 -10.74 -7.65 -2.82
C THR A 189 -11.72 -6.70 -2.17
N MET A 190 -11.47 -5.41 -2.32
CA MET A 190 -12.25 -4.45 -1.57
C MET A 190 -13.43 -3.88 -2.34
N ALA A 191 -14.55 -3.70 -1.64
CA ALA A 191 -15.71 -3.03 -2.22
C ALA A 191 -15.47 -1.52 -2.38
N ASP A 192 -16.00 -0.95 -3.45
CA ASP A 192 -15.82 0.47 -3.75
C ASP A 192 -17.04 1.23 -3.23
N ARG A 193 -16.82 2.28 -2.42
CA ARG A 193 -17.93 2.87 -1.65
C ARG A 193 -18.14 4.39 -1.41
N GLY A 194 -17.71 5.33 -2.26
CA GLY A 194 -16.59 5.26 -3.17
C GLY A 194 -15.52 6.12 -2.50
N GLU A 195 -15.38 7.38 -2.89
CA GLU A 195 -14.29 8.22 -2.35
C GLU A 195 -14.82 9.33 -1.45
N CYS A 196 -14.04 9.68 -0.42
CA CYS A 196 -14.39 10.82 0.43
C CYS A 196 -13.28 11.87 0.45
N VAL A 197 -13.67 13.12 0.69
CA VAL A 197 -12.73 14.22 0.75
C VAL A 197 -12.80 14.83 2.13
N PRO A 198 -11.66 14.87 2.84
CA PRO A 198 -11.61 15.52 4.15
C PRO A 198 -12.00 17.00 4.04
N GLY A 199 -12.87 17.47 4.93
CA GLY A 199 -13.30 18.85 4.91
C GLY A 199 -14.67 19.01 4.27
N GLU A 200 -15.08 17.98 3.52
CA GLU A 200 -16.38 18.00 2.85
C GLU A 200 -17.51 18.29 3.84
N GLN A 201 -18.28 19.33 3.54
CA GLN A 201 -19.36 19.83 4.40
C GLN A 201 -19.17 19.65 5.91
#